data_3NHL
#
_entry.id   3NHL
#
_cell.length_a   56.104
_cell.length_b   83.163
_cell.length_c   106.473
_cell.angle_alpha   90.000
_cell.angle_beta   90.000
_cell.angle_gamma   90.000
#
_symmetry.space_group_name_H-M   'P 21 21 21'
#
loop_
_entity.id
_entity.type
_entity.pdbx_description
1 polymer 'Ribosyldihydronicotinamide dehydrogenase [quinone]'
2 non-polymer 'ZINC ION'
3 non-polymer 'FLAVIN-ADENINE DINUCLEOTIDE'
4 non-polymer 7,8-dimethoxy-1,4-dimethylquinolin-2(1H)-one
5 water water
#
_entity_poly.entity_id   1
_entity_poly.type   'polypeptide(L)'
_entity_poly.pdbx_seq_one_letter_code
;AGKKVLIVYAHQEPKSFNGSLKNVAVDELSRQGCTVTVSDLYAMNFEPRATDKDITGTLSNPEVFNYGVETHEAYKQRSL
ASDITDEQKKVREADLVIFQFPLYWFSVPAILKGWMDRVLCQGFAFDIPGFYDSGLLQGKLALLSVTTGGTAEMYTKTGV
NGDSRYFLWPLQHGTLHFCGFKVLAPQISFAPEIASEEERKGMVAAWSQRLQTIWKEEPIPCTAHWHFGQ
;
_entity_poly.pdbx_strand_id   A,B
#
loop_
_chem_comp.id
_chem_comp.type
_chem_comp.name
_chem_comp.formula
FAD non-polymer 'FLAVIN-ADENINE DINUCLEOTIDE' 'C27 H33 N9 O15 P2'
YTR non-polymer 7,8-dimethoxy-1,4-dimethylquinolin-2(1H)-one 'C13 H15 N O3'
ZN non-polymer 'ZINC ION' 'Zn 2'
#
# COMPACT_ATOMS: atom_id res chain seq x y z
N ALA A 1 -22.35 -23.60 3.72
CA ALA A 1 -22.70 -24.97 4.19
C ALA A 1 -22.09 -26.20 3.41
N GLY A 2 -20.85 -26.58 3.76
CA GLY A 2 -20.13 -25.89 4.86
C GLY A 2 -19.11 -24.92 4.25
N LYS A 3 -19.02 -23.70 4.76
CA LYS A 3 -17.98 -22.82 4.20
C LYS A 3 -17.34 -22.04 5.34
N LYS A 4 -16.09 -21.72 5.11
CA LYS A 4 -15.37 -20.93 6.11
C LYS A 4 -15.01 -19.54 5.54
N VAL A 5 -15.16 -18.55 6.38
CA VAL A 5 -14.80 -17.18 5.96
C VAL A 5 -13.81 -16.59 6.97
N LEU A 6 -12.83 -15.87 6.43
CA LEU A 6 -11.82 -15.12 7.24
C LEU A 6 -12.09 -13.64 6.91
N ILE A 7 -12.33 -12.83 7.91
CA ILE A 7 -12.49 -11.37 7.72
C ILE A 7 -11.19 -10.73 8.25
N VAL A 8 -10.40 -10.08 7.36
CA VAL A 8 -9.15 -9.41 7.86
C VAL A 8 -9.57 -7.95 7.97
N TYR A 9 -9.60 -7.48 9.20
CA TYR A 9 -10.20 -6.21 9.53
C TYR A 9 -9.17 -5.22 10.01
N ALA A 10 -9.21 -3.98 9.44
CA ALA A 10 -8.16 -3.00 9.73
C ALA A 10 -8.81 -1.65 10.07
N HIS A 11 -9.40 -1.55 11.29
CA HIS A 11 -9.81 -0.29 11.81
C HIS A 11 -9.59 -0.21 13.31
N GLN A 12 -9.15 0.99 13.79
CA GLN A 12 -8.79 1.17 15.19
C GLN A 12 -9.96 1.24 16.19
N GLU A 13 -11.14 1.57 15.67
CA GLU A 13 -12.27 1.89 16.56
C GLU A 13 -13.46 0.92 16.33
N PRO A 14 -13.77 0.17 17.37
CA PRO A 14 -14.90 -0.82 17.30
C PRO A 14 -16.25 -0.12 16.98
N LYS A 15 -16.42 1.17 17.35
CA LYS A 15 -17.66 1.94 17.07
C LYS A 15 -17.74 2.58 15.69
N SER A 16 -16.69 2.37 14.87
CA SER A 16 -16.69 2.91 13.53
C SER A 16 -17.63 2.32 12.53
N PHE A 17 -17.84 3.00 11.42
CA PHE A 17 -18.57 2.44 10.27
C PHE A 17 -17.96 1.13 9.80
N ASN A 18 -16.59 1.12 9.69
CA ASN A 18 -15.90 -0.17 9.37
C ASN A 18 -16.22 -1.25 10.36
N GLY A 19 -16.21 -0.91 11.67
CA GLY A 19 -16.54 -1.87 12.70
C GLY A 19 -17.95 -2.43 12.49
N SER A 20 -18.88 -1.51 12.21
CA SER A 20 -20.27 -1.98 11.98
C SER A 20 -20.34 -2.88 10.77
N LEU A 21 -19.63 -2.57 9.65
CA LEU A 21 -19.62 -3.45 8.53
C LEU A 21 -19.03 -4.85 8.88
N LYS A 22 -17.90 -4.87 9.63
CA LYS A 22 -17.36 -6.16 10.10
C LYS A 22 -18.38 -6.91 10.95
N ASN A 23 -18.98 -6.23 11.87
CA ASN A 23 -19.90 -6.92 12.82
C ASN A 23 -21.12 -7.42 12.11
N VAL A 24 -21.66 -6.67 11.12
CA VAL A 24 -22.81 -7.27 10.36
C VAL A 24 -22.43 -8.47 9.50
N ALA A 25 -21.21 -8.52 8.99
CA ALA A 25 -20.71 -9.60 8.24
C ALA A 25 -20.61 -10.84 9.19
N VAL A 26 -20.01 -10.64 10.38
CA VAL A 26 -19.95 -11.77 11.33
C VAL A 26 -21.38 -12.25 11.57
N ASP A 27 -22.25 -11.30 11.88
CA ASP A 27 -23.66 -11.69 12.32
C ASP A 27 -24.34 -12.44 11.24
N GLU A 28 -24.30 -11.95 9.96
CA GLU A 28 -25.03 -12.59 8.88
C GLU A 28 -24.40 -13.88 8.43
N LEU A 29 -23.07 -13.95 8.31
CA LEU A 29 -22.42 -15.18 7.89
C LEU A 29 -22.60 -16.18 9.07
N SER A 30 -22.58 -15.72 10.33
CA SER A 30 -22.77 -16.75 11.42
C SER A 30 -24.23 -17.27 11.38
N ARG A 31 -25.15 -16.37 11.13
CA ARG A 31 -26.58 -16.82 10.97
C ARG A 31 -26.75 -17.84 9.87
N GLN A 32 -26.05 -17.73 8.73
CA GLN A 32 -26.18 -18.66 7.65
C GLN A 32 -25.54 -20.05 8.04
N GLY A 33 -24.86 -20.14 9.18
CA GLY A 33 -24.13 -21.36 9.58
C GLY A 33 -22.71 -21.57 9.10
N CYS A 34 -22.16 -20.44 8.54
CA CYS A 34 -20.80 -20.46 8.08
C CYS A 34 -19.83 -20.42 9.27
N THR A 35 -18.64 -20.92 9.06
CA THR A 35 -17.52 -20.82 10.05
C THR A 35 -16.86 -19.46 9.84
N VAL A 36 -16.76 -18.66 10.89
CA VAL A 36 -16.25 -17.27 10.72
C VAL A 36 -15.09 -17.03 11.65
N THR A 37 -14.04 -16.42 11.12
CA THR A 37 -12.86 -15.98 11.90
C THR A 37 -12.52 -14.56 11.53
N VAL A 38 -12.11 -13.77 12.53
CA VAL A 38 -11.84 -12.32 12.30
C VAL A 38 -10.41 -12.09 12.75
N SER A 39 -9.58 -11.53 11.85
CA SER A 39 -8.17 -11.08 12.24
C SER A 39 -8.30 -9.61 12.39
N ASP A 40 -8.38 -9.17 13.64
CA ASP A 40 -8.59 -7.78 13.99
C ASP A 40 -7.18 -7.15 14.16
N LEU A 41 -6.63 -6.61 13.04
CA LEU A 41 -5.16 -6.36 13.03
C LEU A 41 -4.74 -5.31 14.06
N TYR A 42 -5.49 -4.21 14.25
CA TYR A 42 -5.02 -3.24 15.26
C TYR A 42 -5.09 -3.88 16.67
N ALA A 43 -6.17 -4.63 16.92
CA ALA A 43 -6.23 -5.23 18.28
C ALA A 43 -5.19 -6.23 18.57
N MET A 44 -4.72 -6.91 17.53
CA MET A 44 -3.57 -7.82 17.54
C MET A 44 -2.18 -7.16 17.58
N ASN A 45 -2.20 -5.82 17.45
CA ASN A 45 -0.93 -5.06 17.27
C ASN A 45 -0.08 -5.73 16.15
N PHE A 46 -0.75 -6.14 15.04
CA PHE A 46 -0.10 -6.92 14.02
C PHE A 46 1.11 -6.17 13.47
N GLU A 47 2.21 -6.90 13.37
CA GLU A 47 3.45 -6.30 12.84
C GLU A 47 3.35 -6.08 11.33
N PRO A 48 3.57 -4.82 10.92
CA PRO A 48 3.50 -4.66 9.43
C PRO A 48 4.86 -4.74 8.75
N ARG A 49 5.98 -4.69 9.48
CA ARG A 49 7.25 -4.57 8.80
C ARG A 49 7.71 -5.88 8.36
N ALA A 50 8.28 -5.94 7.14
CA ALA A 50 8.91 -7.16 6.64
C ALA A 50 10.33 -7.18 7.11
N THR A 51 10.64 -8.01 8.13
CA THR A 51 12.06 -7.99 8.61
C THR A 51 12.56 -9.43 8.90
N ASP A 52 13.87 -9.49 9.22
CA ASP A 52 14.42 -10.78 9.48
C ASP A 52 13.91 -11.43 10.71
N LYS A 53 13.10 -10.73 11.53
CA LYS A 53 12.39 -11.40 12.61
C LYS A 53 11.31 -12.35 12.10
N ASP A 54 10.97 -12.30 10.81
CA ASP A 54 9.89 -13.11 10.31
C ASP A 54 10.36 -14.55 10.08
N ILE A 55 11.68 -14.75 10.14
CA ILE A 55 12.24 -16.11 10.03
C ILE A 55 12.87 -16.49 11.37
N THR A 56 12.51 -17.70 11.85
CA THR A 56 13.05 -18.23 13.11
C THR A 56 14.24 -19.16 12.77
N GLY A 57 15.19 -19.32 13.69
CA GLY A 57 16.37 -20.18 13.43
C GLY A 57 17.40 -19.61 12.44
N THR A 58 18.10 -20.44 11.70
CA THR A 58 19.20 -19.90 10.89
C THR A 58 18.78 -19.49 9.43
N LEU A 59 19.27 -18.32 8.99
CA LEU A 59 18.88 -17.78 7.69
C LEU A 59 19.57 -18.49 6.51
N SER A 60 18.87 -18.61 5.40
CA SER A 60 19.45 -19.26 4.26
C SER A 60 20.76 -18.51 3.89
N ASN A 61 20.72 -17.16 3.85
CA ASN A 61 21.92 -16.34 3.54
C ASN A 61 22.14 -15.20 4.51
N PRO A 62 22.79 -15.46 5.67
CA PRO A 62 22.88 -14.41 6.70
C PRO A 62 23.89 -13.26 6.47
N GLU A 63 24.48 -13.16 5.28
CA GLU A 63 25.37 -12.03 5.05
C GLU A 63 24.67 -10.96 4.20
N VAL A 64 23.71 -11.40 3.39
CA VAL A 64 22.97 -10.56 2.44
C VAL A 64 21.49 -10.99 2.54
N PHE A 65 20.71 -10.16 3.25
CA PHE A 65 19.32 -10.46 3.58
C PHE A 65 18.40 -10.13 2.39
N ASN A 66 17.66 -11.13 1.95
CA ASN A 66 16.71 -11.02 0.82
C ASN A 66 15.39 -11.54 1.37
N TYR A 67 14.47 -10.63 1.64
CA TYR A 67 13.25 -11.04 2.34
C TYR A 67 12.49 -12.10 1.54
N GLY A 68 12.37 -11.95 0.24
CA GLY A 68 11.52 -12.84 -0.55
C GLY A 68 12.19 -14.24 -0.56
N VAL A 69 13.51 -14.30 -0.66
CA VAL A 69 14.16 -15.64 -0.67
C VAL A 69 14.08 -16.27 0.70
N GLU A 70 14.35 -15.48 1.75
CA GLU A 70 14.35 -16.01 3.10
C GLU A 70 12.97 -16.50 3.48
N THR A 71 11.92 -15.76 3.10
CA THR A 71 10.62 -16.22 3.52
C THR A 71 10.08 -17.30 2.67
N HIS A 72 10.44 -17.35 1.38
CA HIS A 72 10.13 -18.55 0.62
C HIS A 72 10.78 -19.84 1.24
N GLU A 73 12.08 -19.79 1.54
CA GLU A 73 12.80 -20.94 2.15
C GLU A 73 12.21 -21.25 3.52
N ALA A 74 11.85 -20.23 4.33
CA ALA A 74 11.24 -20.45 5.64
C ALA A 74 9.86 -21.10 5.56
N TYR A 75 9.06 -20.75 4.57
CA TYR A 75 7.77 -21.37 4.41
C TYR A 75 7.99 -22.89 4.13
N LYS A 76 8.89 -23.20 3.19
CA LYS A 76 9.22 -24.59 2.86
C LYS A 76 9.75 -25.40 4.07
N GLN A 77 10.47 -24.72 4.97
CA GLN A 77 11.10 -25.32 6.16
C GLN A 77 10.34 -25.11 7.46
N ARG A 78 9.07 -24.70 7.35
CA ARG A 78 8.18 -24.46 8.51
C ARG A 78 8.90 -23.63 9.60
N SER A 79 9.58 -22.55 9.17
CA SER A 79 10.33 -21.74 10.09
C SER A 79 9.94 -20.25 9.95
N LEU A 80 8.70 -19.99 9.54
CA LEU A 80 8.22 -18.56 9.60
C LEU A 80 7.79 -18.25 11.02
N ALA A 81 7.88 -16.98 11.47
CA ALA A 81 7.28 -16.51 12.70
C ALA A 81 5.79 -16.90 12.89
N SER A 82 5.43 -17.11 14.17
CA SER A 82 4.15 -17.70 14.52
C SER A 82 2.99 -16.74 14.15
N ASP A 83 3.21 -15.43 14.22
CA ASP A 83 2.09 -14.53 13.76
C ASP A 83 1.77 -14.75 12.26
N ILE A 84 2.76 -14.95 11.37
CA ILE A 84 2.57 -15.22 9.98
C ILE A 84 1.87 -16.60 9.84
N THR A 85 2.46 -17.62 10.50
CA THR A 85 1.90 -18.98 10.27
C THR A 85 0.45 -19.06 10.78
N ASP A 86 0.16 -18.34 11.87
CA ASP A 86 -1.21 -18.28 12.34
C ASP A 86 -2.16 -17.70 11.28
N GLU A 87 -1.73 -16.61 10.61
CA GLU A 87 -2.57 -16.10 9.58
C GLU A 87 -2.68 -16.98 8.32
N GLN A 88 -1.59 -17.67 7.93
CA GLN A 88 -1.64 -18.55 6.76
C GLN A 88 -2.56 -19.71 7.10
N LYS A 89 -2.56 -20.15 8.36
CA LYS A 89 -3.54 -21.24 8.66
C LYS A 89 -4.99 -20.80 8.44
N LYS A 90 -5.32 -19.54 8.92
CA LYS A 90 -6.64 -18.98 8.66
C LYS A 90 -6.99 -18.88 7.15
N VAL A 91 -6.04 -18.41 6.31
CA VAL A 91 -6.30 -18.26 4.92
C VAL A 91 -6.42 -19.65 4.26
N ARG A 92 -5.52 -20.53 4.60
CA ARG A 92 -5.57 -21.90 4.01
C ARG A 92 -6.94 -22.54 4.27
N GLU A 93 -7.45 -22.42 5.51
CA GLU A 93 -8.82 -22.98 5.74
C GLU A 93 -10.01 -22.25 5.14
N ALA A 94 -9.87 -20.95 4.83
CA ALA A 94 -10.96 -20.18 4.36
C ALA A 94 -11.41 -20.43 2.91
N ASP A 95 -12.68 -20.31 2.67
CA ASP A 95 -13.23 -20.43 1.24
C ASP A 95 -13.41 -19.01 0.71
N LEU A 96 -13.58 -18.03 1.62
CA LEU A 96 -13.83 -16.61 1.27
C LEU A 96 -12.99 -15.79 2.27
N VAL A 97 -12.22 -14.82 1.74
CA VAL A 97 -11.49 -13.86 2.64
C VAL A 97 -12.07 -12.49 2.31
N ILE A 98 -12.61 -11.83 3.28
CA ILE A 98 -13.20 -10.51 3.19
C ILE A 98 -12.21 -9.53 3.85
N PHE A 99 -11.73 -8.52 3.10
CA PHE A 99 -10.89 -7.48 3.71
C PHE A 99 -11.73 -6.29 4.00
N GLN A 100 -11.79 -5.84 5.25
CA GLN A 100 -12.61 -4.71 5.63
C GLN A 100 -11.69 -3.59 6.07
N PHE A 101 -11.69 -2.45 5.35
CA PHE A 101 -10.80 -1.35 5.69
C PHE A 101 -11.31 -0.01 5.15
N PRO A 102 -10.82 1.05 5.77
CA PRO A 102 -10.95 2.37 5.15
C PRO A 102 -9.83 2.59 4.16
N LEU A 103 -10.14 3.28 3.04
CA LEU A 103 -9.09 3.53 2.04
C LEU A 103 -8.13 4.57 2.58
N TYR A 104 -6.82 4.23 2.63
CA TYR A 104 -5.75 5.20 3.02
C TYR A 104 -4.86 5.33 1.75
N TRP A 105 -4.78 6.57 1.26
CA TRP A 105 -3.99 6.88 0.06
C TRP A 105 -4.26 5.93 -1.10
N PHE A 106 -5.56 5.79 -1.36
CA PHE A 106 -5.96 4.94 -2.55
C PHE A 106 -5.59 3.47 -2.43
N SER A 107 -5.39 3.02 -1.13
CA SER A 107 -4.91 1.70 -0.92
C SER A 107 -5.33 1.25 0.51
N VAL A 108 -4.69 0.14 0.93
CA VAL A 108 -5.02 -0.36 2.30
C VAL A 108 -4.20 0.40 3.32
N PRO A 109 -4.70 0.53 4.53
CA PRO A 109 -3.86 1.03 5.68
C PRO A 109 -2.62 0.21 5.81
N ALA A 110 -1.53 0.87 6.21
CA ALA A 110 -0.27 0.12 6.33
C ALA A 110 -0.31 -1.18 7.12
N ILE A 111 -1.10 -1.20 8.19
CA ILE A 111 -1.09 -2.48 8.96
C ILE A 111 -1.58 -3.67 8.10
N LEU A 112 -2.59 -3.36 7.28
CA LEU A 112 -3.11 -4.39 6.30
C LEU A 112 -2.15 -4.61 5.11
N LYS A 113 -1.45 -3.55 4.65
CA LYS A 113 -0.42 -3.79 3.64
C LYS A 113 0.61 -4.72 4.22
N GLY A 114 0.91 -4.60 5.51
CA GLY A 114 1.87 -5.47 6.11
C GLY A 114 1.38 -6.94 6.23
N TRP A 115 0.10 -7.11 6.53
CA TRP A 115 -0.45 -8.48 6.44
C TRP A 115 -0.28 -9.04 5.04
N MET A 116 -0.56 -8.25 4.01
CA MET A 116 -0.38 -8.79 2.60
C MET A 116 1.07 -9.12 2.40
N ASP A 117 2.02 -8.25 2.76
CA ASP A 117 3.40 -8.41 2.47
C ASP A 117 3.98 -9.62 3.21
N ARG A 118 3.52 -9.88 4.44
CA ARG A 118 4.19 -10.87 5.32
C ARG A 118 3.38 -12.19 5.28
N VAL A 119 2.09 -12.17 5.03
CA VAL A 119 1.36 -13.50 5.00
C VAL A 119 1.32 -14.09 3.65
N LEU A 120 1.23 -13.32 2.59
CA LEU A 120 1.10 -13.85 1.21
C LEU A 120 2.54 -14.07 0.64
N CYS A 121 3.31 -14.98 1.24
CA CYS A 121 4.69 -15.24 0.86
C CYS A 121 4.78 -16.30 -0.26
N GLN A 122 5.92 -16.28 -0.98
CA GLN A 122 6.13 -17.29 -2.05
C GLN A 122 6.05 -18.68 -1.42
N GLY A 123 5.33 -19.58 -2.09
CA GLY A 123 5.24 -20.97 -1.66
C GLY A 123 3.90 -21.16 -0.96
N PHE A 124 3.40 -20.10 -0.31
CA PHE A 124 2.07 -20.19 0.26
C PHE A 124 1.04 -19.63 -0.73
N ALA A 125 1.25 -18.38 -1.16
CA ALA A 125 0.24 -17.73 -1.96
C ALA A 125 0.53 -17.79 -3.44
N PHE A 126 1.80 -17.94 -3.79
CA PHE A 126 2.16 -18.00 -5.23
C PHE A 126 3.52 -18.65 -5.36
N ASP A 127 3.84 -19.10 -6.60
CA ASP A 127 5.14 -19.70 -6.83
C ASP A 127 5.46 -19.63 -8.34
N ILE A 128 6.65 -20.15 -8.68
CA ILE A 128 7.02 -20.46 -10.08
C ILE A 128 6.93 -21.99 -10.18
N PRO A 129 5.81 -22.48 -10.79
CA PRO A 129 4.78 -21.61 -11.38
C PRO A 129 3.66 -21.51 -10.34
N GLY A 130 2.53 -20.92 -10.74
CA GLY A 130 1.37 -20.83 -9.84
C GLY A 130 1.13 -19.36 -9.52
N PHE A 131 0.64 -18.63 -10.50
CA PHE A 131 0.21 -17.25 -10.26
C PHE A 131 -0.91 -16.83 -11.20
N TYR A 132 -1.49 -15.70 -10.92
CA TYR A 132 -2.70 -15.27 -11.59
C TYR A 132 -3.76 -16.40 -11.54
N ASP A 133 -4.36 -16.77 -12.66
CA ASP A 133 -5.29 -17.89 -12.70
C ASP A 133 -4.85 -19.20 -12.00
N SER A 134 -3.54 -19.47 -11.99
CA SER A 134 -3.01 -20.63 -11.30
C SER A 134 -2.36 -20.29 -9.95
N GLY A 135 -2.69 -19.11 -9.39
CA GLY A 135 -2.14 -18.77 -8.05
C GLY A 135 -2.48 -19.90 -7.07
N LEU A 136 -1.69 -20.01 -6.01
CA LEU A 136 -1.90 -21.10 -5.09
C LEU A 136 -3.12 -21.03 -4.21
N LEU A 137 -3.81 -19.87 -4.10
CA LEU A 137 -5.02 -19.80 -3.35
C LEU A 137 -6.22 -19.97 -4.27
N GLN A 138 -5.99 -20.58 -5.44
CA GLN A 138 -7.06 -20.79 -6.42
C GLN A 138 -8.14 -21.62 -5.72
N GLY A 139 -9.38 -21.34 -6.08
CA GLY A 139 -10.52 -22.05 -5.44
C GLY A 139 -11.13 -21.14 -4.37
N LYS A 140 -10.35 -20.17 -3.91
CA LYS A 140 -10.83 -19.27 -2.85
C LYS A 140 -11.37 -18.02 -3.46
N LEU A 141 -12.30 -17.37 -2.79
CA LEU A 141 -12.90 -16.14 -3.14
C LEU A 141 -12.25 -15.08 -2.24
N ALA A 142 -12.13 -13.88 -2.79
CA ALA A 142 -11.66 -12.73 -2.00
C ALA A 142 -12.52 -11.58 -2.32
N LEU A 143 -12.72 -10.66 -1.40
CA LEU A 143 -13.55 -9.57 -1.55
C LEU A 143 -13.09 -8.35 -0.76
N LEU A 144 -12.86 -7.25 -1.43
CA LEU A 144 -12.59 -5.94 -0.74
C LEU A 144 -13.77 -5.20 -0.36
N SER A 145 -13.95 -4.92 0.92
CA SER A 145 -15.02 -4.04 1.42
C SER A 145 -14.37 -2.82 1.97
N VAL A 146 -14.45 -1.77 1.18
CA VAL A 146 -13.64 -0.57 1.36
C VAL A 146 -14.55 0.55 1.68
N THR A 147 -14.22 1.42 2.64
CA THR A 147 -14.89 2.68 2.84
C THR A 147 -14.00 3.84 2.35
N THR A 148 -14.63 4.90 1.83
CA THR A 148 -13.83 6.02 1.30
C THR A 148 -14.22 7.34 1.98
N GLY A 149 -13.32 8.33 1.95
CA GLY A 149 -13.69 9.67 2.38
C GLY A 149 -14.26 10.39 1.14
N GLY A 150 -13.75 10.08 -0.05
CA GLY A 150 -14.21 10.67 -1.36
C GLY A 150 -15.59 10.16 -1.76
N THR A 151 -16.33 10.92 -2.58
CA THR A 151 -17.70 10.57 -2.94
C THR A 151 -17.67 9.81 -4.23
N ALA A 152 -18.78 9.13 -4.58
CA ALA A 152 -18.78 8.28 -5.77
C ALA A 152 -18.47 9.09 -7.00
N GLU A 153 -18.94 10.35 -7.02
CA GLU A 153 -18.75 11.27 -8.19
C GLU A 153 -17.27 11.64 -8.34
N MET A 154 -16.58 11.81 -7.21
CA MET A 154 -15.13 12.07 -7.21
C MET A 154 -14.41 10.91 -7.81
N TYR A 155 -14.99 9.71 -7.63
CA TYR A 155 -14.45 8.43 -8.12
C TYR A 155 -15.08 7.98 -9.46
N THR A 156 -15.11 8.91 -10.42
CA THR A 156 -15.50 8.57 -11.80
C THR A 156 -14.34 8.95 -12.69
N LYS A 157 -14.29 8.38 -13.90
CA LYS A 157 -13.13 8.50 -14.81
C LYS A 157 -12.64 9.96 -15.04
N THR A 158 -13.60 10.87 -15.08
CA THR A 158 -13.32 12.28 -15.37
C THR A 158 -13.29 13.11 -14.07
N GLY A 159 -13.58 12.45 -12.95
CA GLY A 159 -13.66 13.05 -11.62
C GLY A 159 -12.26 13.16 -11.02
N VAL A 160 -12.13 13.93 -9.91
CA VAL A 160 -10.76 14.34 -9.42
C VAL A 160 -9.92 13.15 -9.04
N ASN A 161 -10.62 12.17 -8.49
CA ASN A 161 -9.98 10.92 -8.11
C ASN A 161 -9.78 9.80 -9.14
N GLY A 162 -10.41 9.91 -10.35
CA GLY A 162 -10.41 8.81 -11.30
C GLY A 162 -11.45 7.77 -10.85
N ASP A 163 -11.69 6.80 -11.71
CA ASP A 163 -12.63 5.72 -11.45
C ASP A 163 -12.06 4.92 -10.25
N SER A 164 -12.93 4.46 -9.32
CA SER A 164 -12.46 3.50 -8.26
C SER A 164 -11.69 2.30 -8.76
N ARG A 165 -12.10 1.74 -9.89
CA ARG A 165 -11.46 0.64 -10.44
C ARG A 165 -9.95 0.87 -10.62
N TYR A 166 -9.53 2.12 -10.87
CA TYR A 166 -8.14 2.43 -11.10
C TYR A 166 -7.36 2.13 -9.83
N PHE A 167 -7.83 2.59 -8.67
CA PHE A 167 -7.03 2.21 -7.46
C PHE A 167 -7.20 0.78 -7.07
N LEU A 168 -8.27 0.14 -7.52
CA LEU A 168 -8.39 -1.33 -7.18
C LEU A 168 -7.35 -2.25 -7.78
N TRP A 169 -6.74 -1.85 -8.93
CA TRP A 169 -5.83 -2.67 -9.64
C TRP A 169 -4.71 -3.35 -8.83
N PRO A 170 -3.94 -2.59 -8.00
CA PRO A 170 -2.84 -3.30 -7.34
C PRO A 170 -3.35 -4.27 -6.29
N LEU A 171 -4.55 -3.99 -5.81
CA LEU A 171 -5.13 -4.90 -4.77
C LEU A 171 -5.87 -6.10 -5.41
N GLN A 172 -6.80 -5.80 -6.31
CA GLN A 172 -7.54 -6.90 -6.92
C GLN A 172 -6.69 -7.70 -7.83
N HIS A 173 -5.99 -7.01 -8.74
CA HIS A 173 -5.16 -7.71 -9.71
C HIS A 173 -3.81 -8.08 -9.24
N GLY A 174 -3.04 -7.08 -8.84
CA GLY A 174 -1.69 -7.36 -8.46
C GLY A 174 -1.51 -8.17 -7.19
N THR A 175 -2.54 -8.22 -6.34
CA THR A 175 -2.36 -9.00 -5.10
C THR A 175 -3.35 -10.18 -5.13
N LEU A 176 -4.62 -9.96 -5.21
CA LEU A 176 -5.59 -11.15 -4.97
C LEU A 176 -5.60 -12.13 -6.17
N HIS A 177 -5.75 -11.57 -7.37
CA HIS A 177 -5.66 -12.41 -8.60
C HIS A 177 -4.35 -13.10 -8.70
N PHE A 178 -3.27 -12.36 -8.47
CA PHE A 178 -2.02 -12.89 -8.56
C PHE A 178 -1.88 -14.15 -7.73
N CYS A 179 -2.41 -14.13 -6.48
CA CYS A 179 -2.35 -15.30 -5.65
C CYS A 179 -3.41 -16.35 -6.00
N GLY A 180 -4.20 -16.09 -7.02
CA GLY A 180 -5.19 -17.10 -7.47
C GLY A 180 -6.58 -16.99 -6.97
N PHE A 181 -6.87 -16.05 -6.07
CA PHE A 181 -8.25 -15.75 -5.77
C PHE A 181 -9.09 -15.42 -6.95
N LYS A 182 -10.33 -15.85 -6.91
CA LYS A 182 -11.33 -15.27 -7.68
C LYS A 182 -11.86 -14.11 -6.88
N VAL A 183 -11.91 -12.97 -7.52
CA VAL A 183 -12.32 -11.75 -6.91
C VAL A 183 -13.75 -11.40 -7.11
N LEU A 184 -14.44 -11.36 -6.01
CA LEU A 184 -15.78 -10.94 -6.05
C LEU A 184 -15.72 -9.47 -6.20
N ALA A 185 -16.82 -8.91 -6.67
CA ALA A 185 -17.00 -7.50 -6.90
C ALA A 185 -16.77 -6.72 -5.59
N PRO A 186 -15.93 -5.70 -5.63
CA PRO A 186 -15.70 -4.98 -4.40
C PRO A 186 -16.98 -4.35 -3.83
N GLN A 187 -17.03 -4.28 -2.52
CA GLN A 187 -18.03 -3.60 -1.85
C GLN A 187 -17.50 -2.22 -1.49
N ILE A 188 -17.99 -1.20 -2.18
CA ILE A 188 -17.40 0.08 -1.94
C ILE A 188 -18.43 0.94 -1.26
N SER A 189 -18.17 1.33 -0.02
CA SER A 189 -19.06 2.14 0.73
C SER A 189 -18.55 3.55 0.70
N PHE A 190 -19.07 4.34 -0.28
CA PHE A 190 -18.61 5.71 -0.51
C PHE A 190 -19.01 6.70 0.55
N ALA A 191 -18.01 7.38 1.12
CA ALA A 191 -18.19 8.58 1.97
C ALA A 191 -19.17 8.44 3.15
N PRO A 192 -19.02 7.39 3.99
CA PRO A 192 -19.95 7.30 5.12
C PRO A 192 -20.02 8.49 6.06
N GLU A 193 -18.88 9.16 6.34
CA GLU A 193 -18.76 10.11 7.47
C GLU A 193 -19.66 11.34 7.30
N ILE A 194 -19.97 11.64 6.04
CA ILE A 194 -20.77 12.80 5.70
C ILE A 194 -22.24 12.43 5.46
N ALA A 195 -22.53 11.12 5.43
CA ALA A 195 -23.89 10.65 5.13
C ALA A 195 -24.71 10.73 6.41
N SER A 196 -26.05 10.75 6.28
CA SER A 196 -26.97 10.46 7.39
C SER A 196 -26.57 9.03 7.78
N GLU A 197 -26.68 8.55 9.03
CA GLU A 197 -27.77 8.60 10.03
C GLU A 197 -28.65 7.40 9.62
N GLU A 198 -29.59 7.61 8.69
CA GLU A 198 -30.03 6.58 7.70
C GLU A 198 -28.92 6.60 6.64
N GLU A 199 -29.16 6.38 5.33
CA GLU A 199 -28.05 6.25 4.32
C GLU A 199 -26.90 5.30 4.78
N ARG A 200 -26.34 5.59 5.95
CA ARG A 200 -25.40 4.75 6.67
C ARG A 200 -26.02 3.44 7.17
N LYS A 201 -27.07 3.54 8.01
CA LYS A 201 -27.80 2.36 8.50
C LYS A 201 -28.09 1.50 7.28
N GLY A 202 -28.28 2.19 6.15
CA GLY A 202 -28.59 1.61 4.84
C GLY A 202 -27.47 1.01 3.99
N MET A 203 -26.28 1.59 4.03
CA MET A 203 -25.15 0.99 3.31
C MET A 203 -24.75 -0.31 4.07
N VAL A 204 -24.97 -0.32 5.36
CA VAL A 204 -24.73 -1.52 6.23
C VAL A 204 -25.74 -2.59 5.75
N ALA A 205 -26.94 -2.16 5.37
CA ALA A 205 -27.95 -3.14 5.08
C ALA A 205 -27.79 -3.63 3.67
N ALA A 206 -27.28 -2.81 2.75
CA ALA A 206 -26.95 -3.33 1.44
C ALA A 206 -25.90 -4.43 1.62
N TRP A 207 -24.93 -4.18 2.52
CA TRP A 207 -23.88 -5.17 2.72
C TRP A 207 -24.43 -6.47 3.36
N SER A 208 -25.22 -6.35 4.41
CA SER A 208 -25.83 -7.55 5.04
C SER A 208 -26.71 -8.29 3.99
N GLN A 209 -27.54 -7.54 3.27
CA GLN A 209 -28.31 -8.17 2.16
C GLN A 209 -27.45 -8.79 1.11
N ARG A 210 -26.36 -8.09 0.68
CA ARG A 210 -25.49 -8.74 -0.28
C ARG A 210 -24.96 -10.10 0.22
N LEU A 211 -24.60 -10.09 1.52
CA LEU A 211 -23.97 -11.28 2.08
C LEU A 211 -24.93 -12.49 2.17
N GLN A 212 -26.24 -12.20 2.22
CA GLN A 212 -27.26 -13.27 2.08
C GLN A 212 -27.06 -14.14 0.84
N THR A 213 -26.63 -13.56 -0.29
CA THR A 213 -26.43 -14.34 -1.49
C THR A 213 -24.98 -14.40 -1.98
N ILE A 214 -24.00 -14.20 -1.08
CA ILE A 214 -22.63 -14.15 -1.57
C ILE A 214 -22.12 -15.42 -2.24
N TRP A 215 -22.65 -16.60 -1.86
CA TRP A 215 -22.11 -17.85 -2.38
C TRP A 215 -22.71 -18.12 -3.80
N LYS A 216 -23.66 -17.29 -4.23
CA LYS A 216 -24.26 -17.40 -5.62
C LYS A 216 -23.46 -16.56 -6.62
N GLU A 217 -22.55 -15.71 -6.13
CA GLU A 217 -21.88 -14.77 -7.04
C GLU A 217 -20.86 -15.41 -7.90
N GLU A 218 -20.71 -14.87 -9.12
CA GLU A 218 -19.59 -15.28 -9.99
C GLU A 218 -18.46 -14.22 -9.78
N PRO A 219 -17.21 -14.65 -9.83
CA PRO A 219 -16.05 -13.70 -9.71
C PRO A 219 -15.99 -12.78 -10.92
N ILE A 220 -15.63 -11.50 -10.73
CA ILE A 220 -15.28 -10.59 -11.84
C ILE A 220 -14.19 -11.16 -12.76
N PRO A 221 -14.14 -10.67 -14.02
CA PRO A 221 -13.00 -11.02 -14.87
C PRO A 221 -11.92 -10.03 -14.42
N CYS A 222 -10.86 -10.55 -13.80
CA CYS A 222 -9.89 -9.62 -13.17
C CYS A 222 -8.83 -9.25 -14.20
N THR A 223 -9.24 -8.32 -15.06
CA THR A 223 -8.41 -7.95 -16.23
C THR A 223 -8.13 -6.47 -16.30
N ALA A 224 -7.10 -6.10 -17.06
CA ALA A 224 -6.82 -4.67 -17.30
C ALA A 224 -8.05 -3.97 -17.89
N HIS A 225 -8.71 -4.67 -18.83
CA HIS A 225 -9.95 -4.22 -19.42
C HIS A 225 -11.08 -4.00 -18.38
N TRP A 226 -11.28 -4.91 -17.43
CA TRP A 226 -12.24 -4.63 -16.34
C TRP A 226 -11.90 -3.35 -15.53
N HIS A 227 -10.61 -3.19 -15.22
CA HIS A 227 -10.18 -2.04 -14.44
C HIS A 227 -10.14 -0.70 -15.19
N PHE A 228 -9.71 -0.73 -16.44
CA PHE A 228 -9.37 0.51 -17.15
C PHE A 228 -10.17 0.78 -18.42
N GLY A 229 -10.62 -0.33 -19.02
CA GLY A 229 -11.23 -0.31 -20.36
C GLY A 229 -12.59 0.35 -20.44
N GLN A 230 -13.21 0.18 -21.61
CA GLN A 230 -14.63 0.49 -21.78
C GLN A 230 -15.47 -0.80 -21.84
N ALA B 1 23.12 22.14 -5.50
CA ALA B 1 23.93 23.42 -5.37
C ALA B 1 23.11 24.64 -5.01
N GLY B 2 22.06 24.43 -4.19
CA GLY B 2 21.09 25.44 -3.64
C GLY B 2 19.78 24.66 -3.49
N LYS B 3 19.90 23.35 -3.30
CA LYS B 3 18.66 22.49 -3.20
C LYS B 3 18.84 21.46 -2.09
N LYS B 4 17.72 21.11 -1.46
CA LYS B 4 17.70 20.11 -0.41
C LYS B 4 16.93 18.87 -0.94
N VAL B 5 17.50 17.71 -0.72
CA VAL B 5 16.86 16.42 -1.16
C VAL B 5 16.68 15.54 0.10
N LEU B 6 15.45 14.94 0.20
CA LEU B 6 15.17 13.88 1.18
C LEU B 6 15.03 12.59 0.40
N ILE B 7 15.74 11.55 0.81
CA ILE B 7 15.53 10.20 0.23
C ILE B 7 14.81 9.40 1.30
N VAL B 8 13.58 8.92 1.03
CA VAL B 8 12.88 8.03 1.98
C VAL B 8 13.09 6.62 1.46
N TYR B 9 13.88 5.89 2.24
CA TYR B 9 14.46 4.62 1.74
C TYR B 9 13.90 3.43 2.54
N ALA B 10 13.46 2.40 1.81
CA ALA B 10 12.78 1.25 2.46
C ALA B 10 13.37 -0.06 1.99
N HIS B 11 14.53 -0.40 2.52
CA HIS B 11 15.02 -1.76 2.26
C HIS B 11 15.80 -2.20 3.51
N GLN B 12 15.70 -3.52 3.79
CA GLN B 12 16.30 -4.02 5.04
C GLN B 12 17.83 -4.25 4.95
N GLU B 13 18.33 -4.31 3.73
CA GLU B 13 19.75 -4.79 3.54
C GLU B 13 20.59 -3.71 2.89
N PRO B 14 21.58 -3.24 3.60
CA PRO B 14 22.43 -2.15 3.02
C PRO B 14 23.18 -2.61 1.75
N LYS B 15 23.46 -3.93 1.65
CA LYS B 15 24.12 -4.46 0.46
C LYS B 15 23.27 -4.77 -0.71
N SER B 16 21.96 -4.41 -0.67
CA SER B 16 21.03 -4.74 -1.69
C SER B 16 21.13 -3.84 -2.85
N PHE B 17 20.46 -4.18 -3.93
CA PHE B 17 20.42 -3.31 -5.09
C PHE B 17 19.73 -1.98 -4.75
N ASN B 18 18.68 -2.06 -3.96
CA ASN B 18 18.10 -0.79 -3.42
C ASN B 18 19.09 0.05 -2.64
N GLY B 19 19.87 -0.57 -1.78
CA GLY B 19 20.91 0.10 -1.07
C GLY B 19 21.92 0.77 -2.02
N SER B 20 22.30 0.07 -3.09
CA SER B 20 23.24 0.66 -4.05
C SER B 20 22.65 1.90 -4.71
N LEU B 21 21.37 1.81 -5.07
CA LEU B 21 20.67 2.93 -5.73
C LEU B 21 20.56 4.13 -4.77
N LYS B 22 20.23 3.88 -3.49
CA LYS B 22 20.18 4.99 -2.50
C LYS B 22 21.62 5.56 -2.35
N ASN B 23 22.63 4.71 -2.24
CA ASN B 23 23.97 5.22 -2.02
C ASN B 23 24.50 5.99 -3.18
N VAL B 24 24.20 5.56 -4.42
CA VAL B 24 24.62 6.37 -5.56
C VAL B 24 23.91 7.71 -5.62
N ALA B 25 22.64 7.76 -5.19
CA ALA B 25 21.92 9.04 -5.13
C ALA B 25 22.58 9.99 -4.13
N VAL B 26 22.97 9.42 -2.97
CA VAL B 26 23.64 10.29 -1.97
C VAL B 26 24.97 10.78 -2.56
N ASP B 27 25.69 9.86 -3.15
CA ASP B 27 27.12 10.20 -3.68
C ASP B 27 26.93 11.30 -4.74
N GLU B 28 25.98 11.16 -5.65
CA GLU B 28 25.96 12.09 -6.78
C GLU B 28 25.33 13.41 -6.39
N LEU B 29 24.24 13.38 -5.61
CA LEU B 29 23.67 14.63 -5.13
C LEU B 29 24.63 15.36 -4.14
N SER B 30 25.41 14.61 -3.32
CA SER B 30 26.41 15.26 -2.49
C SER B 30 27.48 15.89 -3.39
N ARG B 31 27.97 15.16 -4.37
CA ARG B 31 28.97 15.74 -5.31
C ARG B 31 28.49 17.02 -5.91
N GLN B 32 27.22 17.12 -6.29
CA GLN B 32 26.69 18.37 -6.90
C GLN B 32 26.63 19.56 -5.92
N GLY B 33 26.77 19.30 -4.64
CA GLY B 33 26.68 20.33 -3.59
C GLY B 33 25.32 20.45 -2.94
N CYS B 34 24.44 19.54 -3.30
CA CYS B 34 23.08 19.55 -2.68
C CYS B 34 23.18 19.10 -1.23
N THR B 35 22.18 19.53 -0.48
CA THR B 35 21.98 19.06 0.90
C THR B 35 21.15 17.80 0.88
N VAL B 36 21.62 16.76 1.52
CA VAL B 36 20.96 15.41 1.34
C VAL B 36 20.62 14.85 2.71
N THR B 37 19.43 14.28 2.85
CA THR B 37 19.06 13.59 4.12
C THR B 37 18.40 12.29 3.73
N VAL B 38 18.65 11.23 4.47
CA VAL B 38 18.04 9.92 4.14
C VAL B 38 17.25 9.49 5.38
N SER B 39 15.99 9.13 5.16
CA SER B 39 15.19 8.49 6.22
C SER B 39 15.19 6.98 5.94
N ASP B 40 16.06 6.22 6.67
CA ASP B 40 16.20 4.81 6.41
C ASP B 40 15.19 4.10 7.30
N LEU B 41 14.04 3.78 6.72
CA LEU B 41 12.92 3.44 7.61
C LEU B 41 13.15 2.15 8.39
N TYR B 42 13.70 1.13 7.77
CA TYR B 42 13.90 -0.09 8.62
C TYR B 42 14.93 0.18 9.69
N ALA B 43 16.00 1.00 9.39
CA ALA B 43 17.00 1.11 10.45
C ALA B 43 16.47 1.92 11.60
N MET B 44 15.51 2.80 11.33
CA MET B 44 14.80 3.63 12.28
C MET B 44 13.71 2.86 13.08
N ASN B 45 13.48 1.61 12.66
CA ASN B 45 12.31 0.81 13.15
C ASN B 45 11.04 1.69 13.05
N PHE B 46 10.93 2.39 11.88
CA PHE B 46 9.81 3.39 11.73
C PHE B 46 8.41 2.74 11.93
N GLU B 47 7.60 3.38 12.75
CA GLU B 47 6.25 2.78 13.15
C GLU B 47 5.30 2.97 11.97
N PRO B 48 4.79 1.86 11.43
CA PRO B 48 3.87 2.06 10.25
C PRO B 48 2.41 2.19 10.67
N ARG B 49 2.05 1.79 11.90
CA ARG B 49 0.60 1.68 12.19
C ARG B 49 0.05 3.04 12.55
N ALA B 50 -1.13 3.32 12.05
CA ALA B 50 -1.84 4.55 12.38
C ALA B 50 -2.65 4.28 13.61
N THR B 51 -2.17 4.80 14.73
CA THR B 51 -2.88 4.51 16.00
C THR B 51 -3.03 5.78 16.85
N ASP B 52 -3.82 5.53 17.92
CA ASP B 52 -4.05 6.68 18.83
C ASP B 52 -2.78 7.05 19.58
N LYS B 53 -1.72 6.24 19.53
CA LYS B 53 -0.40 6.66 20.09
C LYS B 53 0.19 7.86 19.34
N ASP B 54 -0.36 8.20 18.15
CA ASP B 54 0.22 9.25 17.35
C ASP B 54 -0.18 10.66 17.74
N ILE B 55 -1.09 10.72 18.73
CA ILE B 55 -1.60 12.00 19.30
C ILE B 55 -1.30 11.95 20.82
N THR B 56 -0.63 12.96 21.31
CA THR B 56 -0.30 12.93 22.74
C THR B 56 -1.32 13.75 23.51
N GLY B 57 -2.14 14.56 22.87
CA GLY B 57 -3.02 15.49 23.69
C GLY B 57 -4.41 14.94 24.02
N THR B 58 -5.21 15.76 24.68
CA THR B 58 -6.68 15.47 24.78
C THR B 58 -7.26 15.33 23.37
N LEU B 59 -7.91 14.18 23.17
CA LEU B 59 -8.57 13.95 21.89
C LEU B 59 -9.82 14.79 21.72
N SER B 60 -10.17 15.10 20.47
CA SER B 60 -11.40 15.83 20.18
C SER B 60 -12.59 14.97 20.50
N ASN B 61 -12.54 13.70 20.16
CA ASN B 61 -13.61 12.78 20.49
C ASN B 61 -13.11 11.47 21.05
N PRO B 62 -12.93 11.42 22.36
CA PRO B 62 -12.33 10.27 23.02
C PRO B 62 -13.31 9.09 23.04
N GLU B 63 -14.60 9.32 22.72
CA GLU B 63 -15.58 8.22 22.68
C GLU B 63 -15.45 7.38 21.37
N VAL B 64 -15.19 8.04 20.26
CA VAL B 64 -15.12 7.31 18.96
C VAL B 64 -13.91 7.84 18.20
N PHE B 65 -12.86 7.01 18.21
CA PHE B 65 -11.58 7.42 17.58
C PHE B 65 -11.64 7.48 16.08
N ASN B 66 -11.30 8.61 15.48
CA ASN B 66 -11.19 8.81 14.04
C ASN B 66 -9.81 9.32 13.79
N TYR B 67 -8.97 8.48 13.16
CA TYR B 67 -7.54 8.79 13.03
C TYR B 67 -7.38 10.10 12.23
N GLY B 68 -8.12 10.30 11.14
CA GLY B 68 -7.96 11.51 10.31
C GLY B 68 -8.28 12.83 11.10
N VAL B 69 -9.39 12.77 11.81
CA VAL B 69 -9.90 13.97 12.57
C VAL B 69 -8.87 14.25 13.67
N GLU B 70 -8.43 13.21 14.40
CA GLU B 70 -7.55 13.37 15.60
C GLU B 70 -6.15 13.83 15.16
N THR B 71 -5.60 13.29 14.03
CA THR B 71 -4.27 13.74 13.62
C THR B 71 -4.31 15.16 13.06
N HIS B 72 -5.41 15.57 12.37
CA HIS B 72 -5.53 16.91 11.86
C HIS B 72 -5.52 17.90 13.03
N GLU B 73 -6.35 17.58 14.01
CA GLU B 73 -6.36 18.43 15.26
C GLU B 73 -5.02 18.47 15.93
N ALA B 74 -4.40 17.29 16.07
CA ALA B 74 -3.01 17.17 16.66
C ALA B 74 -1.97 17.98 15.91
N TYR B 75 -2.00 17.96 14.57
CA TYR B 75 -1.04 18.74 13.79
C TYR B 75 -1.20 20.25 14.13
N LYS B 76 -2.41 20.70 14.11
CA LYS B 76 -2.68 22.14 14.39
C LYS B 76 -2.28 22.51 15.78
N GLN B 77 -2.42 21.62 16.72
CA GLN B 77 -2.05 21.89 18.15
C GLN B 77 -0.60 21.61 18.48
N ARG B 78 0.13 21.04 17.53
CA ARG B 78 1.50 20.58 17.79
C ARG B 78 1.60 19.42 18.80
N SER B 79 0.69 18.47 18.78
CA SER B 79 0.66 17.37 19.73
C SER B 79 0.77 16.02 18.97
N LEU B 80 1.29 16.06 17.72
CA LEU B 80 1.52 14.70 17.15
C LEU B 80 2.76 14.07 17.71
N ALA B 81 2.87 12.75 17.64
CA ALA B 81 4.11 12.11 18.08
C ALA B 81 5.34 12.65 17.36
N SER B 82 6.46 12.69 18.04
CA SER B 82 7.63 13.31 17.52
C SER B 82 8.23 12.62 16.30
N ASP B 83 8.00 11.29 16.14
CA ASP B 83 8.59 10.64 14.94
C ASP B 83 7.88 11.24 13.71
N ILE B 84 6.59 11.54 13.81
CA ILE B 84 5.87 12.11 12.64
C ILE B 84 6.45 13.53 12.38
N THR B 85 6.53 14.37 13.46
CA THR B 85 6.98 15.77 13.20
C THR B 85 8.44 15.81 12.71
N ASP B 86 9.26 14.84 13.13
CA ASP B 86 10.64 14.74 12.66
C ASP B 86 10.66 14.52 11.11
N GLU B 87 9.76 13.63 10.63
CA GLU B 87 9.71 13.45 9.19
C GLU B 87 9.08 14.66 8.48
N GLN B 88 8.06 15.29 9.06
CA GLN B 88 7.52 16.49 8.46
C GLN B 88 8.50 17.61 8.29
N LYS B 89 9.42 17.70 9.27
CA LYS B 89 10.47 18.76 9.12
C LYS B 89 11.37 18.47 7.93
N LYS B 90 11.69 17.17 7.77
CA LYS B 90 12.50 16.86 6.60
C LYS B 90 11.81 17.12 5.26
N VAL B 91 10.53 16.76 5.21
CA VAL B 91 9.75 17.04 3.99
C VAL B 91 9.59 18.56 3.72
N ARG B 92 9.28 19.29 4.76
CA ARG B 92 9.06 20.76 4.64
C ARG B 92 10.32 21.42 4.07
N GLU B 93 11.50 20.95 4.54
CA GLU B 93 12.73 21.56 4.10
C GLU B 93 13.17 21.12 2.69
N ALA B 94 12.76 19.94 2.28
CA ALA B 94 13.18 19.43 0.97
C ALA B 94 12.60 20.10 -0.23
N ASP B 95 13.44 20.23 -1.24
CA ASP B 95 12.92 20.63 -2.59
C ASP B 95 12.53 19.42 -3.41
N LEU B 96 13.15 18.25 -3.14
CA LEU B 96 12.90 17.03 -3.93
C LEU B 96 12.84 15.91 -2.90
N VAL B 97 11.82 15.07 -3.03
CA VAL B 97 11.73 13.86 -2.20
C VAL B 97 11.78 12.68 -3.12
N ILE B 98 12.81 11.88 -2.95
CA ILE B 98 13.00 10.61 -3.68
C ILE B 98 12.57 9.50 -2.79
N PHE B 99 11.74 8.59 -3.34
CA PHE B 99 11.37 7.41 -2.59
C PHE B 99 12.07 6.24 -3.21
N GLN B 100 12.85 5.48 -2.42
CA GLN B 100 13.66 4.36 -2.96
C GLN B 100 13.11 3.09 -2.31
N PHE B 101 12.59 2.17 -3.16
CA PHE B 101 12.00 0.95 -2.56
C PHE B 101 11.86 -0.14 -3.60
N PRO B 102 11.77 -1.35 -3.08
CA PRO B 102 11.34 -2.49 -3.97
C PRO B 102 9.82 -2.51 -4.02
N LEU B 103 9.25 -2.91 -5.14
CA LEU B 103 7.81 -3.00 -5.30
C LEU B 103 7.32 -4.22 -4.53
N TYR B 104 6.42 -3.98 -3.57
CA TYR B 104 5.76 -5.11 -2.85
C TYR B 104 4.30 -5.03 -3.24
N TRP B 105 3.78 -6.15 -3.83
CA TRP B 105 2.40 -6.15 -4.19
C TRP B 105 1.88 -4.90 -4.98
N PHE B 106 2.72 -4.61 -6.01
CA PHE B 106 2.36 -3.49 -6.93
C PHE B 106 2.27 -2.11 -6.23
N SER B 107 2.99 -2.02 -5.10
CA SER B 107 2.88 -0.82 -4.23
C SER B 107 4.19 -0.73 -3.41
N VAL B 108 4.12 0.19 -2.43
CA VAL B 108 5.24 0.35 -1.55
C VAL B 108 5.25 -0.74 -0.40
N PRO B 109 6.40 -1.07 0.11
CA PRO B 109 6.43 -1.87 1.38
C PRO B 109 5.64 -1.23 2.49
N ALA B 110 5.03 -2.07 3.33
CA ALA B 110 4.20 -1.48 4.34
C ALA B 110 4.89 -0.47 5.24
N ILE B 111 6.19 -0.67 5.48
CA ILE B 111 6.85 0.38 6.36
C ILE B 111 6.81 1.76 5.70
N LEU B 112 6.94 1.79 4.39
CA LEU B 112 6.79 3.07 3.61
C LEU B 112 5.36 3.50 3.46
N LYS B 113 4.43 2.54 3.34
CA LYS B 113 3.04 2.94 3.31
C LYS B 113 2.68 3.60 4.63
N GLY B 114 3.26 3.13 5.74
CA GLY B 114 2.93 3.78 7.00
C GLY B 114 3.56 5.17 7.12
N TRP B 115 4.74 5.36 6.55
CA TRP B 115 5.27 6.72 6.40
C TRP B 115 4.26 7.58 5.64
N MET B 116 3.72 7.14 4.50
CA MET B 116 2.78 8.02 3.85
C MET B 116 1.54 8.23 4.72
N ASP B 117 1.01 7.16 5.35
CA ASP B 117 -0.23 7.30 6.08
C ASP B 117 -0.09 8.25 7.29
N ARG B 118 1.10 8.21 7.97
CA ARG B 118 1.24 8.95 9.21
C ARG B 118 1.86 10.32 9.01
N VAL B 119 2.75 10.45 8.04
CA VAL B 119 3.48 11.75 7.87
C VAL B 119 2.63 12.71 7.12
N LEU B 120 1.90 12.21 6.11
CA LEU B 120 1.16 13.15 5.21
C LEU B 120 -0.22 13.44 5.74
N CYS B 121 -0.30 14.10 6.91
CA CYS B 121 -1.59 14.23 7.56
C CYS B 121 -2.32 15.53 7.06
N GLN B 122 -3.64 15.58 7.31
CA GLN B 122 -4.30 16.84 6.98
C GLN B 122 -3.73 18.01 7.79
N GLY B 123 -3.67 19.18 7.17
CA GLY B 123 -3.00 20.31 7.83
C GLY B 123 -1.58 20.48 7.40
N PHE B 124 -0.91 19.35 7.18
CA PHE B 124 0.51 19.42 6.82
C PHE B 124 0.61 19.27 5.30
N ALA B 125 0.08 18.14 4.73
CA ALA B 125 0.34 17.85 3.32
C ALA B 125 -0.81 18.29 2.45
N PHE B 126 -2.03 18.33 3.02
CA PHE B 126 -3.24 18.77 2.24
C PHE B 126 -4.22 19.34 3.23
N ASP B 127 -5.19 20.09 2.68
CA ASP B 127 -6.31 20.55 3.52
C ASP B 127 -7.50 20.50 2.60
N ILE B 128 -8.66 20.91 3.13
CA ILE B 128 -9.89 20.82 2.35
C ILE B 128 -10.52 22.24 2.36
N PRO B 129 -10.40 23.00 1.26
CA PRO B 129 -9.68 22.62 0.07
C PRO B 129 -8.20 22.83 0.29
N GLY B 130 -7.41 22.50 -0.71
CA GLY B 130 -5.98 22.58 -0.65
C GLY B 130 -5.47 21.17 -0.96
N PHE B 131 -5.82 20.63 -2.09
CA PHE B 131 -5.32 19.31 -2.55
C PHE B 131 -5.20 19.26 -4.05
N TYR B 132 -4.62 18.20 -4.58
CA TYR B 132 -4.19 18.08 -5.95
C TYR B 132 -3.36 19.31 -6.29
N ASP B 133 -3.63 20.04 -7.37
CA ASP B 133 -2.74 21.19 -7.68
C ASP B 133 -2.65 22.27 -6.58
N SER B 134 -3.60 22.30 -5.69
CA SER B 134 -3.60 23.19 -4.53
C SER B 134 -3.09 22.51 -3.22
N GLY B 135 -2.51 21.32 -3.37
CA GLY B 135 -2.00 20.69 -2.13
C GLY B 135 -0.91 21.51 -1.46
N LEU B 136 -0.69 21.18 -0.17
CA LEU B 136 0.16 22.04 0.67
C LEU B 136 1.67 21.82 0.41
N LEU B 137 2.06 20.77 -0.32
CA LEU B 137 3.43 20.59 -0.70
C LEU B 137 3.68 21.07 -2.10
N GLN B 138 2.79 21.98 -2.54
CA GLN B 138 3.09 22.57 -3.85
C GLN B 138 4.47 23.27 -3.85
N GLY B 139 5.12 23.23 -5.02
CA GLY B 139 6.45 23.75 -5.16
C GLY B 139 7.52 22.69 -5.00
N LYS B 140 7.14 21.54 -4.44
CA LYS B 140 8.09 20.49 -4.25
C LYS B 140 8.00 19.46 -5.30
N LEU B 141 9.12 18.77 -5.57
CA LEU B 141 9.17 17.65 -6.50
C LEU B 141 9.24 16.31 -5.79
N ALA B 142 8.64 15.28 -6.40
CA ALA B 142 8.80 13.94 -5.85
C ALA B 142 9.13 12.97 -6.98
N LEU B 143 9.81 11.89 -6.67
CA LEU B 143 10.21 10.91 -7.64
C LEU B 143 10.20 9.54 -7.02
N LEU B 144 9.56 8.55 -7.65
CA LEU B 144 9.60 7.19 -7.22
C LEU B 144 10.75 6.45 -7.91
N SER B 145 11.65 5.88 -7.15
CA SER B 145 12.68 5.02 -7.69
C SER B 145 12.44 3.58 -7.18
N VAL B 146 11.89 2.76 -8.11
CA VAL B 146 11.28 1.46 -7.79
C VAL B 146 12.17 0.40 -8.35
N THR B 147 12.29 -0.70 -7.64
CA THR B 147 12.89 -1.93 -8.26
C THR B 147 11.79 -2.98 -8.34
N THR B 148 11.93 -3.91 -9.31
CA THR B 148 10.88 -4.95 -9.39
C THR B 148 11.49 -6.32 -9.50
N GLY B 149 10.65 -7.32 -9.23
CA GLY B 149 11.02 -8.72 -9.55
C GLY B 149 10.71 -9.06 -10.99
N GLY B 150 9.58 -8.51 -11.49
CA GLY B 150 9.04 -8.71 -12.87
C GLY B 150 9.88 -7.98 -13.93
N THR B 151 9.99 -8.56 -15.13
CA THR B 151 10.86 -7.97 -16.17
C THR B 151 10.10 -6.83 -16.84
N ALA B 152 10.82 -5.94 -17.54
CA ALA B 152 10.13 -4.86 -18.25
C ALA B 152 9.01 -5.36 -19.13
N GLU B 153 9.24 -6.51 -19.79
CA GLU B 153 8.23 -6.96 -20.74
C GLU B 153 6.93 -7.45 -20.07
N MET B 154 7.05 -8.08 -18.89
CA MET B 154 5.88 -8.40 -18.06
C MET B 154 5.09 -7.13 -17.75
N TYR B 155 5.82 -6.04 -17.51
CA TYR B 155 5.14 -4.74 -17.21
C TYR B 155 4.84 -3.87 -18.41
N THR B 156 4.22 -4.49 -19.43
CA THR B 156 3.70 -3.75 -20.56
C THR B 156 2.21 -4.04 -20.66
N LYS B 157 1.53 -3.23 -21.46
CA LYS B 157 0.06 -3.30 -21.60
C LYS B 157 -0.39 -4.72 -21.93
N THR B 158 0.37 -5.42 -22.78
CA THR B 158 -0.05 -6.75 -23.20
C THR B 158 0.76 -7.85 -22.49
N GLY B 159 1.63 -7.47 -21.55
CA GLY B 159 2.32 -8.42 -20.63
C GLY B 159 1.39 -8.79 -19.48
N VAL B 160 1.84 -9.69 -18.60
CA VAL B 160 0.99 -10.30 -17.56
C VAL B 160 0.51 -9.31 -16.53
N ASN B 161 1.46 -8.44 -16.22
CA ASN B 161 1.32 -7.53 -15.12
C ASN B 161 0.61 -6.25 -15.56
N GLY B 162 0.42 -6.07 -16.88
CA GLY B 162 -0.05 -4.77 -17.38
C GLY B 162 1.07 -3.72 -17.32
N ASP B 163 0.76 -2.54 -17.82
CA ASP B 163 1.77 -1.51 -17.94
C ASP B 163 2.24 -1.10 -16.56
N SER B 164 3.56 -0.89 -16.41
CA SER B 164 4.06 -0.31 -15.12
C SER B 164 3.36 0.98 -14.70
N ARG B 165 2.96 1.86 -15.63
CA ARG B 165 2.30 3.01 -15.16
C ARG B 165 0.98 2.74 -14.39
N TYR B 166 0.36 1.56 -14.64
CA TYR B 166 -0.89 1.30 -13.98
C TYR B 166 -0.75 1.24 -12.43
N PHE B 167 0.28 0.58 -11.98
CA PHE B 167 0.47 0.45 -10.49
C PHE B 167 0.95 1.78 -9.96
N LEU B 168 1.51 2.66 -10.79
CA LEU B 168 1.89 4.00 -10.25
C LEU B 168 0.77 4.91 -9.83
N TRP B 169 -0.49 4.74 -10.32
CA TRP B 169 -1.54 5.67 -10.04
C TRP B 169 -1.82 6.00 -8.58
N PRO B 170 -1.90 4.99 -7.68
CA PRO B 170 -2.26 5.41 -6.32
C PRO B 170 -1.14 6.17 -5.60
N LEU B 171 0.05 5.92 -6.09
CA LEU B 171 1.22 6.59 -5.49
C LEU B 171 1.48 7.95 -6.06
N GLN B 172 1.56 8.02 -7.40
CA GLN B 172 1.85 9.33 -8.01
C GLN B 172 0.66 10.26 -7.94
N HIS B 173 -0.53 9.78 -8.32
CA HIS B 173 -1.67 10.57 -8.32
C HIS B 173 -2.37 10.68 -6.99
N GLY B 174 -2.73 9.51 -6.48
CA GLY B 174 -3.60 9.49 -5.26
C GLY B 174 -2.82 10.03 -4.04
N THR B 175 -1.46 9.92 -4.07
CA THR B 175 -0.69 10.37 -2.86
C THR B 175 0.11 11.64 -3.21
N LEU B 176 1.03 11.55 -4.12
CA LEU B 176 1.99 12.68 -4.27
C LEU B 176 1.32 13.90 -4.93
N HIS B 177 0.60 13.69 -6.06
CA HIS B 177 -0.14 14.87 -6.65
C HIS B 177 -1.19 15.36 -5.72
N PHE B 178 -1.90 14.49 -5.00
CA PHE B 178 -2.89 14.90 -4.06
C PHE B 178 -2.38 15.94 -3.04
N CYS B 179 -1.10 15.72 -2.65
CA CYS B 179 -0.43 16.59 -1.65
C CYS B 179 0.22 17.80 -2.31
N GLY B 180 0.08 17.94 -3.62
CA GLY B 180 0.62 19.13 -4.25
C GLY B 180 1.96 18.93 -4.88
N PHE B 181 2.60 17.77 -4.77
CA PHE B 181 3.84 17.64 -5.40
C PHE B 181 3.68 17.62 -6.93
N LYS B 182 4.72 18.11 -7.59
CA LYS B 182 4.89 17.78 -9.00
C LYS B 182 5.73 16.51 -9.04
N VAL B 183 5.45 15.63 -9.95
CA VAL B 183 6.00 14.35 -9.98
C VAL B 183 6.96 14.17 -11.14
N LEU B 184 8.21 13.87 -10.85
CA LEU B 184 9.16 13.57 -11.86
C LEU B 184 8.97 12.16 -12.38
N ALA B 185 9.41 11.85 -13.62
CA ALA B 185 9.16 10.57 -14.18
C ALA B 185 9.81 9.47 -13.29
N PRO B 186 9.15 8.35 -13.08
CA PRO B 186 9.69 7.34 -12.23
C PRO B 186 10.96 6.68 -12.76
N GLN B 187 11.82 6.30 -11.85
CA GLN B 187 12.97 5.50 -12.20
C GLN B 187 12.59 4.07 -11.92
N ILE B 188 12.42 3.22 -12.96
CA ILE B 188 12.08 1.81 -12.63
C ILE B 188 13.23 0.91 -13.03
N SER B 189 13.84 0.26 -12.06
CA SER B 189 14.97 -0.66 -12.26
C SER B 189 14.40 -2.08 -12.28
N PHE B 190 14.25 -2.66 -13.48
CA PHE B 190 13.48 -3.88 -13.64
C PHE B 190 14.32 -5.10 -13.38
N ALA B 191 13.71 -6.02 -12.63
CA ALA B 191 14.26 -7.37 -12.39
C ALA B 191 15.77 -7.44 -12.18
N PRO B 192 16.31 -6.70 -11.16
CA PRO B 192 17.75 -6.76 -10.95
C PRO B 192 18.26 -8.10 -10.42
N GLU B 193 17.42 -8.87 -9.71
CA GLU B 193 17.83 -10.20 -9.25
C GLU B 193 18.08 -11.13 -10.44
N ILE B 194 17.33 -10.97 -11.51
CA ILE B 194 17.50 -11.85 -12.69
C ILE B 194 18.75 -11.41 -13.51
N ALA B 195 18.93 -10.09 -13.62
CA ALA B 195 19.99 -9.47 -14.41
C ALA B 195 21.45 -9.92 -14.07
N SER B 196 22.37 -9.71 -15.02
CA SER B 196 23.78 -10.06 -14.78
C SER B 196 24.44 -9.03 -13.86
N GLU B 197 25.65 -9.37 -13.40
CA GLU B 197 26.41 -8.41 -12.57
C GLU B 197 26.64 -7.09 -13.33
N GLU B 198 26.87 -7.19 -14.64
CA GLU B 198 27.14 -5.99 -15.45
C GLU B 198 25.88 -5.22 -15.70
N GLU B 199 24.79 -5.94 -15.91
CA GLU B 199 23.49 -5.31 -16.04
C GLU B 199 23.10 -4.54 -14.77
N ARG B 200 23.41 -5.07 -13.60
CA ARG B 200 23.03 -4.33 -12.39
C ARG B 200 23.88 -3.10 -12.25
N LYS B 201 25.16 -3.24 -12.58
CA LYS B 201 26.06 -2.10 -12.66
C LYS B 201 25.55 -1.04 -13.58
N GLY B 202 25.06 -1.44 -14.76
CA GLY B 202 24.50 -0.52 -15.77
C GLY B 202 23.28 0.23 -15.22
N MET B 203 22.48 -0.46 -14.43
CA MET B 203 21.27 0.22 -13.93
C MET B 203 21.61 1.25 -12.84
N VAL B 204 22.59 0.96 -12.00
CA VAL B 204 23.04 1.87 -10.92
C VAL B 204 23.63 3.09 -11.58
N ALA B 205 24.47 2.83 -12.60
CA ALA B 205 25.12 3.95 -13.32
C ALA B 205 24.10 4.78 -14.06
N ALA B 206 23.03 4.16 -14.60
CA ALA B 206 22.06 4.87 -15.37
C ALA B 206 21.31 5.88 -14.42
N TRP B 207 21.07 5.43 -13.21
CA TRP B 207 20.43 6.31 -12.19
C TRP B 207 21.34 7.45 -11.77
N SER B 208 22.61 7.13 -11.45
CA SER B 208 23.63 8.17 -11.20
C SER B 208 23.66 9.19 -12.35
N GLN B 209 23.73 8.70 -13.59
CA GLN B 209 23.77 9.58 -14.73
C GLN B 209 22.52 10.47 -14.83
N ARG B 210 21.30 9.90 -14.62
CA ARG B 210 20.10 10.70 -14.64
C ARG B 210 20.19 11.82 -13.57
N LEU B 211 20.69 11.45 -12.37
CA LEU B 211 20.75 12.43 -11.31
C LEU B 211 21.67 13.60 -11.58
N GLN B 212 22.65 13.40 -12.47
CA GLN B 212 23.49 14.54 -12.93
C GLN B 212 22.68 15.70 -13.48
N THR B 213 21.54 15.39 -14.13
CA THR B 213 20.73 16.44 -14.73
C THR B 213 19.30 16.52 -14.21
N ILE B 214 19.11 16.03 -12.95
CA ILE B 214 17.74 15.96 -12.47
C ILE B 214 17.10 17.30 -12.29
N TRP B 215 17.89 18.37 -12.09
CA TRP B 215 17.32 19.64 -11.86
C TRP B 215 16.87 20.33 -13.17
N LYS B 216 17.24 19.72 -14.25
CA LYS B 216 16.78 20.24 -15.63
C LYS B 216 15.47 19.58 -16.03
N GLU B 217 14.97 18.62 -15.26
CA GLU B 217 13.81 17.83 -15.73
C GLU B 217 12.56 18.57 -15.48
N GLU B 218 11.53 18.30 -16.32
CA GLU B 218 10.21 18.81 -16.03
C GLU B 218 9.31 17.67 -15.55
N PRO B 219 8.32 17.98 -14.74
CA PRO B 219 7.48 16.88 -14.24
C PRO B 219 6.54 16.30 -15.30
N ILE B 220 6.02 15.13 -14.99
CA ILE B 220 4.97 14.52 -15.84
C ILE B 220 3.66 15.19 -15.70
N PRO B 221 2.77 15.07 -16.73
CA PRO B 221 1.45 15.51 -16.49
C PRO B 221 0.79 14.35 -15.72
N CYS B 222 0.55 14.56 -14.45
CA CYS B 222 0.09 13.44 -13.62
C CYS B 222 -1.44 13.26 -13.70
N THR B 223 -1.85 12.76 -14.89
CA THR B 223 -3.29 12.62 -15.23
C THR B 223 -3.61 11.18 -15.49
N ALA B 224 -4.94 10.90 -15.51
CA ALA B 224 -5.46 9.61 -15.98
C ALA B 224 -4.92 9.22 -17.37
N HIS B 225 -4.88 10.16 -18.34
CA HIS B 225 -4.32 9.75 -19.62
C HIS B 225 -2.86 9.29 -19.58
N TRP B 226 -1.99 9.98 -18.78
CA TRP B 226 -0.60 9.61 -18.78
C TRP B 226 -0.51 8.15 -18.27
N HIS B 227 -1.33 7.89 -17.24
CA HIS B 227 -1.23 6.59 -16.60
C HIS B 227 -1.86 5.40 -17.35
N PHE B 228 -2.97 5.70 -18.05
CA PHE B 228 -3.81 4.64 -18.60
C PHE B 228 -4.00 4.72 -20.12
N GLY B 229 -3.72 5.86 -20.74
CA GLY B 229 -3.97 6.07 -22.21
C GLY B 229 -5.39 6.56 -22.45
N GLN B 230 -5.88 6.54 -23.72
CA GLN B 230 -7.30 6.98 -24.01
C GLN B 230 -7.60 8.52 -24.22
ZN ZN C . -6.63 -9.77 -12.41
PA FAD D . -16.56 6.38 10.61
O1A FAD D . -16.24 7.84 10.88
O2A FAD D . -16.08 5.45 11.71
O5B FAD D . -18.14 6.29 10.30
C5B FAD D . -18.86 7.41 9.83
C4B FAD D . -20.00 7.64 10.82
O4B FAD D . -20.85 6.52 10.91
C3B FAD D . -19.45 7.87 12.23
O3B FAD D . -20.26 8.85 12.84
C2B FAD D . -19.57 6.47 12.83
O2B FAD D . -19.34 6.36 14.24
C1B FAD D . -20.93 6.04 12.24
N9A FAD D . -21.35 4.61 12.26
C8A FAD D . -20.70 3.54 12.83
N7A FAD D . -21.42 2.43 12.61
C5A FAD D . -22.55 2.74 11.92
C6A FAD D . -23.67 1.98 11.47
N6A FAD D . -23.96 0.78 12.01
N1A FAD D . -24.69 2.60 10.77
C2A FAD D . -24.64 3.96 10.56
N3A FAD D . -23.55 4.69 11.02
C4A FAD D . -22.51 4.11 11.69
N1 FAD D . -10.33 8.63 1.49
C2 FAD D . -10.32 8.50 0.15
O2 FAD D . -11.39 8.56 -0.48
N3 FAD D . -9.15 8.30 -0.52
C4 FAD D . -7.96 8.10 0.14
O4 FAD D . -7.00 7.88 -0.51
C4X FAD D . -7.91 8.30 1.51
N5 FAD D . -6.66 8.33 2.25
C5X FAD D . -6.78 8.40 3.55
C6 FAD D . -5.54 8.29 4.16
C7 FAD D . -5.53 8.41 5.43
C7M FAD D . -4.08 8.35 5.69
C8 FAD D . -6.65 8.59 6.30
C8M FAD D . -6.66 8.76 7.82
C9 FAD D . -7.93 8.67 5.71
C9A FAD D . -7.96 8.62 4.30
N10 FAD D . -9.16 8.67 3.59
C10 FAD D . -9.11 8.53 2.20
C1' FAD D . -10.46 8.82 4.38
C2' FAD D . -10.89 7.33 4.76
O2' FAD D . -11.01 6.47 3.70
C3' FAD D . -12.29 7.48 5.40
O3' FAD D . -12.14 8.40 6.46
C4' FAD D . -12.94 6.16 5.94
O4' FAD D . -13.09 5.37 4.83
C5' FAD D . -14.29 6.40 6.62
O5' FAD D . -14.76 5.18 7.19
P FAD D . -14.69 5.01 8.82
O1P FAD D . -13.23 5.41 9.32
O2P FAD D . -15.09 3.69 9.40
O3P FAD D . -15.87 6.09 9.15
C1 YTR E . 4.04 -10.28 -6.56
C2 YTR E . 4.50 -10.17 -7.88
C3 YTR E . 5.86 -10.65 -8.27
C4 YTR E . 6.69 -11.18 -7.19
C5 YTR E . 6.12 -11.23 -5.82
C6 YTR E . 4.83 -10.78 -5.56
C7 YTR E . 3.63 -9.63 -8.97
C8 YTR E . 4.14 -9.56 -10.31
C9 YTR E . 5.47 -10.01 -10.62
N10 YTR E . 6.33 -10.55 -9.62
O11 YTR E . 5.94 -9.95 -11.80
C12 YTR E . 7.67 -11.00 -10.01
C13 YTR E . 2.23 -9.17 -8.58
O14 YTR E . 7.97 -11.63 -7.45
C15 YTR E . 8.28 -13.05 -7.52
O16 YTR E . 6.99 -11.75 -4.87
C17 YTR E . 6.69 -11.90 -3.47
ZN ZN F . -1.94 13.21 -10.83
PA FAD G . 18.66 -7.51 -4.68
O1A FAD G . 19.37 -6.84 -3.53
O2A FAD G . 18.32 -9.01 -4.52
O5B FAD G . 19.54 -7.13 -5.99
C5B FAD G . 19.90 -8.09 -6.98
C4B FAD G . 21.40 -8.24 -6.85
O4B FAD G . 22.02 -7.01 -7.12
C3B FAD G . 21.91 -8.69 -5.47
O3B FAD G . 22.53 -9.97 -5.58
C2B FAD G . 22.90 -7.62 -5.05
O2B FAD G . 24.14 -8.09 -4.57
C1B FAD G . 23.20 -6.98 -6.38
N9A FAD G . 23.72 -5.65 -6.23
C8A FAD G . 23.56 -4.77 -5.18
N7A FAD G . 24.25 -3.66 -5.51
C5A FAD G . 24.85 -3.80 -6.71
C6A FAD G . 25.70 -2.99 -7.49
N6A FAD G . 26.18 -1.79 -7.10
N1A FAD G . 26.14 -3.49 -8.69
C2A FAD G . 25.82 -4.75 -9.15
N3A FAD G . 24.99 -5.54 -8.37
C4A FAD G . 24.53 -5.07 -7.17
N1 FAD G . 8.01 -7.72 -7.73
C2 FAD G . 7.17 -7.28 -8.68
O2 FAD G . 7.57 -7.16 -9.84
N3 FAD G . 5.85 -6.98 -8.41
C4 FAD G . 5.41 -7.07 -7.06
O4 FAD G . 4.25 -6.74 -6.86
C4X FAD G . 6.26 -7.62 -6.10
N5 FAD G . 5.78 -7.90 -4.80
C5X FAD G . 6.67 -8.34 -3.90
C6 FAD G . 6.19 -8.47 -2.59
C7 FAD G . 7.02 -8.93 -1.63
C7M FAD G . 6.23 -8.99 -0.37
C8 FAD G . 8.40 -9.26 -1.80
C8M FAD G . 9.43 -9.74 -0.78
C9 FAD G . 8.88 -9.08 -3.11
C9A FAD G . 8.02 -8.65 -4.15
N10 FAD G . 8.52 -8.45 -5.46
C10 FAD G . 7.57 -7.93 -6.42
C1' FAD G . 9.94 -8.70 -5.74
C2' FAD G . 10.74 -7.39 -5.34
O2' FAD G . 10.21 -6.22 -5.94
C3' FAD G . 12.18 -7.51 -5.86
O3' FAD G . 12.73 -8.68 -5.18
C4' FAD G . 13.06 -6.30 -5.48
O4' FAD G . 12.54 -5.33 -6.31
C5' FAD G . 14.49 -6.48 -5.97
O5' FAD G . 15.29 -5.47 -5.30
P FAD G . 16.42 -5.75 -4.23
O1P FAD G . 17.14 -4.59 -3.84
O2P FAD G . 15.86 -6.52 -3.00
O3P FAD G . 17.31 -6.74 -5.17
C1 YTR H . -6.24 11.11 0.48
C2 YTR H . -7.46 11.36 -0.15
C3 YTR H . -8.62 11.79 0.67
C4 YTR H . -8.41 11.99 2.12
C5 YTR H . -7.08 11.71 2.67
C6 YTR H . -6.03 11.28 1.84
C7 YTR H . -7.62 11.21 -1.59
C8 YTR H . -8.89 11.45 -2.18
C9 YTR H . -9.99 11.83 -1.36
N10 YTR H . -9.87 12.07 0.04
O11 YTR H . -11.08 12.07 -1.92
C12 YTR H . -11.05 12.50 0.85
C13 YTR H . -6.40 10.73 -2.36
O14 YTR H . -9.49 12.41 2.93
C15 YTR H . -9.55 12.64 4.36
O16 YTR H . -6.97 11.85 3.99
C17 YTR H . -5.69 11.65 4.65
#